data_9HSO
#
_entry.id   9HSO
#
_cell.length_a   50.039
_cell.length_b   69.599
_cell.length_c   117.179
_cell.angle_alpha   90.000
_cell.angle_beta   90.000
_cell.angle_gamma   90.000
#
_symmetry.space_group_name_H-M   'I 2 2 2'
#
loop_
_entity.id
_entity.type
_entity.pdbx_description
1 polymer 'choline-phosphate cytidylyltransferase'
2 non-polymer pyridine
3 water water
#
_entity_poly.entity_id   1
_entity_poly.type   'polypeptide(L)'
_entity_poly.pdbx_seq_one_letter_code
;GHMAVPDDDDDDDNSNDESEYESSQMDSEKNKGSIKNSKNVVIYADGVYDMLHLGHMKQLEQAKKLFENTTLIVGVTSDN
ETKLFKGQVVQTLEERTETLKHIRWVDEIISPCPWVVTPEFLEKYKIDYVAHDDIPYANNQKEDIYAWLKRAGKFKATQR
TEGVSTTDLIVRILKNYED
;
_entity_poly.pdbx_strand_id   A
#
loop_
_chem_comp.id
_chem_comp.type
_chem_comp.name
_chem_comp.formula
0PY non-polymer pyridine 'C5 H5 N'
#
# COMPACT_ATOMS: atom_id res chain seq x y z
N LYS A 39 9.94 -13.61 -16.46
CA LYS A 39 8.81 -12.80 -16.93
C LYS A 39 8.03 -12.19 -15.76
N ASN A 40 8.03 -12.85 -14.60
CA ASN A 40 7.21 -12.39 -13.48
C ASN A 40 7.88 -11.23 -12.74
N VAL A 41 7.12 -10.14 -12.57
CA VAL A 41 7.61 -8.88 -12.00
C VAL A 41 7.09 -8.75 -10.57
N VAL A 42 7.98 -8.40 -9.63
CA VAL A 42 7.59 -8.26 -8.22
C VAL A 42 7.35 -6.79 -7.90
N ILE A 43 6.12 -6.47 -7.48
CA ILE A 43 5.70 -5.11 -7.17
C ILE A 43 5.48 -5.01 -5.67
N TYR A 44 5.93 -3.90 -5.08
CA TYR A 44 5.85 -3.68 -3.64
C TYR A 44 5.04 -2.41 -3.37
N ALA A 45 3.90 -2.56 -2.68
CA ALA A 45 3.00 -1.44 -2.36
C ALA A 45 2.82 -1.36 -0.84
N ASP A 46 3.45 -0.37 -0.22
CA ASP A 46 3.32 -0.22 1.22
C ASP A 46 2.33 0.89 1.56
N GLY A 47 1.85 0.86 2.81
CA GLY A 47 0.87 1.83 3.25
C GLY A 47 0.31 1.41 4.59
N VAL A 48 -0.54 2.29 5.13
CA VAL A 48 -1.20 1.99 6.40
C VAL A 48 -2.36 1.03 6.18
N TYR A 49 -3.07 1.20 5.06
CA TYR A 49 -4.28 0.44 4.73
C TYR A 49 -5.27 0.39 5.90
N ASP A 50 -5.37 1.50 6.62
CA ASP A 50 -6.38 1.62 7.67
C ASP A 50 -7.77 1.72 7.07
N MET A 51 -8.72 0.99 7.64
CA MET A 51 -10.12 1.03 7.23
C MET A 51 -10.28 0.97 5.70
N LEU A 52 -9.76 -0.13 5.15
CA LEU A 52 -9.64 -0.35 3.70
C LEU A 52 -10.93 0.00 2.95
N HIS A 53 -10.81 0.85 1.94
CA HIS A 53 -11.96 1.24 1.14
C HIS A 53 -11.67 1.04 -0.36
N LEU A 54 -12.68 1.32 -1.18
CA LEU A 54 -12.57 1.13 -2.63
C LEU A 54 -11.38 1.87 -3.21
N GLY A 55 -10.98 2.99 -2.60
CA GLY A 55 -9.81 3.71 -3.07
C GLY A 55 -8.53 2.91 -2.91
N HIS A 56 -8.37 2.21 -1.77
CA HIS A 56 -7.25 1.30 -1.59
C HIS A 56 -7.30 0.18 -2.62
N MET A 57 -8.46 -0.43 -2.77
CA MET A 57 -8.54 -1.61 -3.63
C MET A 57 -8.23 -1.24 -5.08
N LYS A 58 -8.73 -0.11 -5.57
CA LYS A 58 -8.39 0.28 -6.93
C LYS A 58 -6.90 0.50 -7.08
N GLN A 59 -6.31 1.19 -6.09
CA GLN A 59 -4.87 1.38 -6.05
C GLN A 59 -4.14 0.06 -6.11
N LEU A 60 -4.49 -0.89 -5.24
CA LEU A 60 -3.83 -2.19 -5.26
C LEU A 60 -4.03 -2.88 -6.62
N GLU A 61 -5.26 -2.88 -7.12
CA GLU A 61 -5.49 -3.42 -8.47
C GLU A 61 -4.59 -2.76 -9.49
N GLN A 62 -4.36 -1.45 -9.35
CA GLN A 62 -3.52 -0.77 -10.34
C GLN A 62 -2.09 -1.28 -10.27
N ALA A 63 -1.53 -1.32 -9.06
CA ALA A 63 -0.20 -1.89 -8.90
C ALA A 63 -0.14 -3.31 -9.44
N LYS A 64 -1.12 -4.14 -9.10
CA LYS A 64 -1.08 -5.54 -9.52
C LYS A 64 -0.99 -5.65 -11.04
N LYS A 65 -1.71 -4.79 -11.76
CA LYS A 65 -1.81 -4.83 -13.21
C LYS A 65 -0.77 -3.95 -13.90
N LEU A 66 0.25 -3.52 -13.16
CA LEU A 66 1.27 -2.70 -13.81
C LEU A 66 1.94 -3.45 -14.95
N PHE A 67 2.08 -4.78 -14.84
CA PHE A 67 2.63 -5.62 -15.90
C PHE A 67 1.81 -6.88 -16.03
N GLU A 68 1.96 -7.58 -17.16
CA GLU A 68 1.15 -8.75 -17.47
C GLU A 68 1.26 -9.82 -16.38
N ASN A 69 2.47 -10.17 -15.98
CA ASN A 69 2.70 -11.18 -14.96
C ASN A 69 3.40 -10.55 -13.76
N THR A 70 2.68 -10.41 -12.65
CA THR A 70 3.23 -9.83 -11.42
C THR A 70 3.03 -10.74 -10.22
N THR A 71 3.85 -10.47 -9.21
CA THR A 71 3.55 -10.79 -7.82
C THR A 71 3.51 -9.47 -7.07
N LEU A 72 2.35 -9.15 -6.49
CA LEU A 72 2.18 -7.92 -5.73
C LEU A 72 2.42 -8.23 -4.25
N ILE A 73 3.41 -7.56 -3.66
CA ILE A 73 3.66 -7.64 -2.23
C ILE A 73 3.15 -6.37 -1.59
N VAL A 74 2.35 -6.51 -0.55
CA VAL A 74 1.77 -5.40 0.17
C VAL A 74 2.51 -5.32 1.49
N GLY A 75 2.94 -4.12 1.87
CA GLY A 75 3.59 -3.87 3.14
C GLY A 75 2.62 -3.08 3.99
N VAL A 76 2.48 -3.49 5.25
CA VAL A 76 1.54 -2.89 6.18
C VAL A 76 2.34 -2.28 7.31
N THR A 77 2.14 -0.98 7.53
CA THR A 77 3.01 -0.30 8.49
C THR A 77 2.64 -0.70 9.91
N SER A 78 3.63 -0.54 10.80
CA SER A 78 3.45 -0.91 12.19
C SER A 78 2.63 0.15 12.90
N ASP A 79 1.93 -0.27 13.98
CA ASP A 79 1.10 0.67 14.72
C ASP A 79 1.95 1.79 15.28
N ASN A 80 3.05 1.45 15.94
CA ASN A 80 3.86 2.45 16.60
C ASN A 80 4.35 3.50 15.60
N GLU A 81 4.77 3.06 14.42
CA GLU A 81 5.35 3.98 13.44
C GLU A 81 4.29 4.80 12.72
N THR A 82 3.14 4.22 12.40
CA THR A 82 2.07 5.03 11.84
C THR A 82 1.66 6.12 12.82
N LYS A 83 1.31 5.73 14.05
CA LYS A 83 0.93 6.73 15.05
C LYS A 83 2.00 7.81 15.19
N LEU A 84 3.27 7.40 15.09
CA LEU A 84 4.37 8.34 15.31
C LEU A 84 4.60 9.27 14.12
N PHE A 85 4.24 8.86 12.90
CA PHE A 85 4.55 9.64 11.71
C PHE A 85 3.30 10.15 10.99
N LYS A 86 2.35 9.28 10.65
CA LYS A 86 1.12 9.73 10.01
C LYS A 86 0.15 10.30 11.06
N GLY A 87 -0.22 9.48 12.03
CA GLY A 87 -1.14 9.87 13.07
C GLY A 87 -1.99 8.69 13.48
N GLN A 88 -3.03 8.99 14.27
CA GLN A 88 -3.93 7.97 14.77
C GLN A 88 -4.25 6.93 13.71
N VAL A 89 -4.25 5.66 14.12
CA VAL A 89 -4.78 4.58 13.30
C VAL A 89 -5.96 3.98 14.04
N VAL A 90 -6.95 3.52 13.27
CA VAL A 90 -8.18 2.99 13.85
C VAL A 90 -8.07 1.51 14.10
N GLN A 91 -7.68 0.76 13.08
CA GLN A 91 -7.47 -0.67 13.21
C GLN A 91 -6.02 -0.94 13.62
N THR A 92 -5.82 -2.06 14.31
CA THR A 92 -4.47 -2.48 14.67
C THR A 92 -3.76 -3.08 13.46
N LEU A 93 -2.48 -3.38 13.64
CA LEU A 93 -1.73 -4.07 12.58
C LEU A 93 -2.47 -5.34 12.17
N GLU A 94 -2.81 -6.18 13.14
CA GLU A 94 -3.44 -7.47 12.83
C GLU A 94 -4.75 -7.28 12.07
N GLU A 95 -5.59 -6.35 12.50
CA GLU A 95 -6.83 -6.09 11.80
C GLU A 95 -6.58 -5.53 10.39
N ARG A 96 -5.66 -4.58 10.26
CA ARG A 96 -5.38 -4.04 8.94
C ARG A 96 -4.86 -5.13 8.02
N THR A 97 -4.07 -6.06 8.56
CA THR A 97 -3.47 -7.11 7.74
C THR A 97 -4.49 -8.19 7.38
N GLU A 98 -5.36 -8.58 8.30
CA GLU A 98 -6.31 -9.63 7.96
C GLU A 98 -7.20 -9.19 6.79
N THR A 99 -7.65 -7.93 6.80
CA THR A 99 -8.49 -7.47 5.69
C THR A 99 -7.76 -7.63 4.36
N LEU A 100 -6.52 -7.14 4.29
CA LEU A 100 -5.77 -7.21 3.03
C LEU A 100 -5.70 -8.62 2.46
N LYS A 101 -5.66 -9.64 3.33
CA LYS A 101 -5.55 -11.00 2.78
C LYS A 101 -6.79 -11.41 1.99
N HIS A 102 -7.89 -10.68 2.13
CA HIS A 102 -9.11 -10.96 1.36
C HIS A 102 -9.18 -10.21 0.04
N ILE A 103 -8.14 -9.48 -0.36
CA ILE A 103 -8.18 -8.68 -1.58
C ILE A 103 -7.59 -9.50 -2.72
N ARG A 104 -8.32 -9.55 -3.84
CA ARG A 104 -7.95 -10.35 -4.99
C ARG A 104 -6.54 -10.06 -5.45
N TRP A 105 -6.15 -8.79 -5.43
CA TRP A 105 -4.91 -8.40 -6.07
C TRP A 105 -3.69 -8.71 -5.22
N VAL A 106 -3.87 -9.04 -3.94
CA VAL A 106 -2.77 -9.15 -2.99
C VAL A 106 -2.21 -10.56 -3.02
N ASP A 107 -0.95 -10.69 -3.42
CA ASP A 107 -0.30 -11.99 -3.53
C ASP A 107 0.47 -12.35 -2.27
N GLU A 108 1.22 -11.40 -1.72
CA GLU A 108 1.99 -11.64 -0.52
C GLU A 108 1.87 -10.42 0.35
N ILE A 109 2.02 -10.62 1.65
CA ILE A 109 1.98 -9.50 2.59
C ILE A 109 3.23 -9.54 3.46
N ILE A 110 3.83 -8.37 3.68
CA ILE A 110 4.87 -8.16 4.68
C ILE A 110 4.25 -7.30 5.76
N SER A 111 4.16 -7.86 6.97
CA SER A 111 3.42 -7.26 8.06
C SER A 111 4.08 -7.61 9.39
N PRO A 112 4.68 -6.63 10.09
CA PRO A 112 4.71 -5.25 9.62
C PRO A 112 5.85 -5.02 8.65
N CYS A 113 5.78 -3.94 7.86
CA CYS A 113 6.86 -3.57 6.95
C CYS A 113 7.63 -2.38 7.49
N PRO A 114 8.83 -2.11 6.98
CA PRO A 114 9.55 -0.93 7.43
C PRO A 114 8.88 0.31 6.91
N TRP A 115 9.15 1.41 7.59
CA TRP A 115 8.47 2.66 7.26
C TRP A 115 9.05 3.28 5.99
N VAL A 116 10.38 3.32 5.87
CA VAL A 116 11.05 3.83 4.69
C VAL A 116 11.66 2.65 3.96
N VAL A 117 11.38 2.57 2.66
CA VAL A 117 12.00 1.58 1.80
C VAL A 117 13.48 1.90 1.62
N THR A 118 14.29 0.86 1.63
CA THR A 118 15.72 0.99 1.43
C THR A 118 16.16 0.13 0.26
N PRO A 119 17.27 0.48 -0.40
CA PRO A 119 17.82 -0.41 -1.43
C PRO A 119 18.05 -1.82 -0.90
N GLU A 120 18.51 -1.95 0.35
CA GLU A 120 18.68 -3.28 0.95
C GLU A 120 17.37 -4.02 1.01
N PHE A 121 16.28 -3.31 1.30
CA PHE A 121 14.97 -3.95 1.35
C PHE A 121 14.58 -4.52 -0.01
N LEU A 122 14.88 -3.77 -1.07
CA LEU A 122 14.57 -4.23 -2.43
C LEU A 122 15.29 -5.53 -2.75
N GLU A 123 16.61 -5.53 -2.59
CA GLU A 123 17.37 -6.75 -2.88
C GLU A 123 16.95 -7.88 -1.97
N LYS A 124 16.66 -7.58 -0.69
CA LYS A 124 16.26 -8.64 0.22
C LYS A 124 15.09 -9.42 -0.35
N TYR A 125 14.05 -8.72 -0.82
CA TYR A 125 12.78 -9.30 -1.28
C TYR A 125 12.66 -9.42 -2.80
N LYS A 126 13.73 -9.16 -3.54
CA LYS A 126 13.71 -9.33 -4.99
C LYS A 126 12.66 -8.43 -5.64
N ILE A 127 12.53 -7.20 -5.12
CA ILE A 127 11.50 -6.24 -5.55
C ILE A 127 12.01 -5.46 -6.75
N ASP A 128 11.25 -5.44 -7.85
CA ASP A 128 11.64 -4.74 -9.06
C ASP A 128 11.09 -3.32 -9.12
N TYR A 129 9.86 -3.12 -8.63
CA TYR A 129 9.25 -1.80 -8.66
C TYR A 129 8.51 -1.54 -7.36
N VAL A 130 8.63 -0.30 -6.87
CA VAL A 130 7.80 0.19 -5.76
C VAL A 130 6.62 0.94 -6.37
N ALA A 131 5.42 0.65 -5.88
CA ALA A 131 4.18 1.27 -6.35
C ALA A 131 3.56 2.00 -5.20
N HIS A 132 3.45 3.32 -5.32
CA HIS A 132 2.96 4.21 -4.27
C HIS A 132 2.42 5.49 -4.91
N ASP A 133 1.51 6.16 -4.21
CA ASP A 133 1.02 7.42 -4.75
C ASP A 133 2.17 8.45 -4.76
N ASP A 134 2.00 9.49 -5.59
CA ASP A 134 3.01 10.54 -5.70
C ASP A 134 2.43 11.91 -5.36
N ASP A 144 12.01 14.31 -3.34
CA ASP A 144 11.03 13.66 -2.47
C ASP A 144 11.59 12.36 -1.90
N ILE A 145 10.77 11.65 -1.12
CA ILE A 145 11.16 10.37 -0.54
C ILE A 145 11.44 9.32 -1.62
N TYR A 146 10.88 9.48 -2.82
CA TYR A 146 10.95 8.48 -3.87
C TYR A 146 11.87 8.88 -5.00
N ALA A 147 12.48 10.07 -4.94
CA ALA A 147 13.47 10.46 -5.94
C ALA A 147 14.41 9.31 -6.27
N TRP A 148 15.04 8.74 -5.24
CA TRP A 148 16.02 7.67 -5.49
C TRP A 148 15.37 6.49 -6.21
N LEU A 149 14.12 6.18 -5.89
CA LEU A 149 13.40 5.11 -6.60
C LEU A 149 13.15 5.50 -8.06
N LYS A 150 12.70 6.73 -8.30
CA LYS A 150 12.47 7.13 -9.68
C LYS A 150 13.80 7.20 -10.44
N ARG A 151 14.86 7.65 -9.78
CA ARG A 151 16.16 7.71 -10.43
C ARG A 151 16.59 6.33 -10.92
N ALA A 152 16.32 5.28 -10.14
CA ALA A 152 16.73 3.93 -10.53
C ALA A 152 15.73 3.26 -11.45
N GLY A 153 14.68 3.96 -11.87
CA GLY A 153 13.69 3.37 -12.75
C GLY A 153 12.69 2.46 -12.07
N LYS A 154 12.63 2.48 -10.75
CA LYS A 154 11.88 1.49 -9.99
C LYS A 154 10.63 2.06 -9.32
N PHE A 155 10.18 3.23 -9.75
CA PHE A 155 8.99 3.83 -9.16
C PHE A 155 7.84 3.80 -10.16
N LYS A 156 6.76 3.14 -9.76
CA LYS A 156 5.52 3.12 -10.51
C LYS A 156 4.48 3.92 -9.73
N ALA A 157 3.98 4.99 -10.32
CA ALA A 157 3.01 5.82 -9.64
C ALA A 157 1.61 5.21 -9.75
N THR A 158 0.91 5.13 -8.61
CA THR A 158 -0.51 4.77 -8.57
C THR A 158 -1.32 5.88 -7.90
N GLN A 159 -2.58 5.97 -8.31
CA GLN A 159 -3.45 7.09 -7.95
C GLN A 159 -4.52 6.68 -6.93
N ARG A 160 -4.98 7.66 -6.16
CA ARG A 160 -6.09 7.50 -5.24
C ARG A 160 -7.42 7.73 -5.96
N THR A 161 -8.51 7.41 -5.27
CA THR A 161 -9.86 7.73 -5.72
C THR A 161 -10.52 8.50 -4.60
N GLU A 162 -10.74 9.80 -4.82
CA GLU A 162 -11.26 10.64 -3.75
C GLU A 162 -12.69 10.27 -3.39
N GLY A 163 -13.06 10.50 -2.13
CA GLY A 163 -14.44 10.42 -1.69
C GLY A 163 -15.01 9.04 -1.49
N VAL A 164 -14.19 7.99 -1.58
CA VAL A 164 -14.66 6.62 -1.38
C VAL A 164 -14.39 6.20 0.06
N SER A 165 -13.91 7.14 0.86
CA SER A 165 -13.41 6.86 2.19
C SER A 165 -14.52 6.40 3.13
N THR A 166 -14.17 5.49 4.02
CA THR A 166 -15.06 5.13 5.12
C THR A 166 -15.56 6.38 5.83
N THR A 167 -14.64 7.26 6.23
CA THR A 167 -14.99 8.58 6.74
C THR A 167 -16.12 9.20 5.95
N ASP A 168 -15.90 9.28 4.63
CA ASP A 168 -16.81 10.00 3.75
C ASP A 168 -18.19 9.39 3.77
N LEU A 169 -18.27 8.09 4.05
CA LEU A 169 -19.57 7.41 4.06
C LEU A 169 -20.31 7.64 5.38
N ILE A 170 -19.58 7.70 6.50
CA ILE A 170 -20.25 8.10 7.74
C ILE A 170 -20.83 9.50 7.60
N VAL A 171 -20.07 10.40 6.97
CA VAL A 171 -20.59 11.72 6.63
C VAL A 171 -21.91 11.57 5.87
N ARG A 172 -21.97 10.60 4.96
CA ARG A 172 -23.18 10.40 4.17
C ARG A 172 -24.37 10.05 5.06
N ILE A 173 -24.23 9.00 5.86
CA ILE A 173 -25.30 8.64 6.79
C ILE A 173 -25.55 9.78 7.77
N LEU A 174 -24.49 10.49 8.18
CA LEU A 174 -24.70 11.63 9.07
C LEU A 174 -25.38 12.77 8.34
N LYS A 175 -24.95 13.05 7.10
CA LYS A 175 -25.47 14.18 6.32
C LYS A 175 -26.92 14.00 5.89
N ASN A 176 -27.58 12.91 6.29
CA ASN A 176 -29.00 12.70 6.02
C ASN A 176 -29.67 11.92 7.16
C5 0PY B . 7.21 -11.51 0.75
N1 0PY B . 8.17 -12.14 -0.01
C4 0PY B . 6.86 -11.94 2.05
C3 0PY B . 7.55 -13.04 2.57
C2 0PY B . 8.55 -13.69 1.85
C1 0PY B . 8.83 -13.20 0.55
C5 0PY C . 5.25 4.52 4.71
N1 0PY C . 5.24 3.67 3.65
C4 0PY C . 4.14 5.34 5.06
C3 0PY C . 3.00 5.27 4.26
C2 0PY C . 2.96 4.42 3.16
C1 0PY C . 4.11 3.63 2.89
H5 0PY C . 6.16 4.53 5.27
H4 0PY C . 4.21 5.98 5.90
H3 0PY C . 2.14 5.87 4.51
H2 0PY C . 2.09 4.35 2.54
H1 0PY C . 4.14 2.96 2.07
#